data_4LPS
#
_entry.id   4LPS
#
_cell.length_a   49.820
_cell.length_b   50.160
_cell.length_c   53.680
_cell.angle_alpha   102.16
_cell.angle_beta   99.05
_cell.angle_gamma   90.65
#
_symmetry.space_group_name_H-M   'P 1'
#
loop_
_entity.id
_entity.type
_entity.pdbx_description
1 polymer 'Hydrogenase/urease nickel incorporation protein HypB'
2 non-polymer 'MAGNESIUM ION'
3 non-polymer "GUANOSINE-5'-DIPHOSPHATE"
4 non-polymer 'PHOSPHATE ION'
5 non-polymer 'NICKEL (II) ION'
6 non-polymer GLYCEROL
7 non-polymer 'MALONATE ION'
8 water water
#
_entity_poly.entity_id   1
_entity_poly.type   'polypeptide(L)'
_entity_poly.pdbx_seq_one_letter_code
;MSEQRQESLQNNPNLSKKDVKIVEKILSKNDIKAAEMKERYLKEGLYVLNFMSSPGSGKTTMLENLADFKDFKFCVVEGD
LQTNRDADRLRKKGVSAHQITTGEACHLEASMIEGAFDLLKDEGALEKSDFLIIENVGNLVCPSSYNLGAAMNIVLLSVP
EGDDKVLKYPTMFMCADAVIISKADMVEVFNFRVSQVKEDMQKLKPEAPIFLMSSKDPKSLEDFKNFLLEKKRENYQSTH
SF
;
_entity_poly.pdbx_strand_id   A,B
#
loop_
_chem_comp.id
_chem_comp.type
_chem_comp.name
_chem_comp.formula
GDP RNA linking GUANOSINE-5'-DIPHOSPHATE 'C10 H15 N5 O11 P2'
GOL non-polymer GLYCEROL 'C3 H8 O3'
MG non-polymer 'MAGNESIUM ION' 'Mg 2'
MLI non-polymer 'MALONATE ION' 'C3 H2 O4 -2'
NI non-polymer 'NICKEL (II) ION' 'Ni 2'
PO4 non-polymer 'PHOSPHATE ION' 'O4 P -3'
#
# COMPACT_ATOMS: atom_id res chain seq x y z
N SER A 28 23.94 6.02 -8.06
CA SER A 28 23.90 7.32 -7.41
C SER A 28 23.15 8.38 -8.20
N LYS A 29 22.62 8.01 -9.37
CA LYS A 29 21.91 8.97 -10.21
C LYS A 29 20.81 9.69 -9.41
N ASN A 30 19.98 8.92 -8.73
CA ASN A 30 18.99 9.53 -7.84
C ASN A 30 19.68 10.17 -6.63
N ASP A 31 20.71 9.48 -6.12
CA ASP A 31 21.50 9.97 -4.99
C ASP A 31 22.17 11.31 -5.30
N ILE A 32 22.73 11.43 -6.50
CA ILE A 32 23.32 12.69 -6.94
C ILE A 32 22.25 13.79 -6.97
N LYS A 33 21.14 13.49 -7.65
CA LYS A 33 20.04 14.45 -7.79
C LYS A 33 19.43 14.83 -6.44
N ALA A 34 19.36 13.87 -5.53
CA ALA A 34 18.86 14.14 -4.18
C ALA A 34 19.78 15.10 -3.44
N ALA A 35 21.08 14.92 -3.60
CA ALA A 35 22.06 15.80 -2.98
C ALA A 35 21.98 17.21 -3.55
N GLU A 36 21.70 17.31 -4.84
CA GLU A 36 21.57 18.60 -5.51
C GLU A 36 20.28 19.31 -5.09
N MET A 37 19.21 18.55 -4.89
CA MET A 37 17.96 19.12 -4.41
C MET A 37 18.12 19.60 -2.97
N LYS A 38 18.89 18.86 -2.19
CA LYS A 38 19.16 19.25 -0.80
C LYS A 38 19.89 20.59 -0.71
N GLU A 39 20.79 20.84 -1.66
CA GLU A 39 21.43 22.15 -1.78
C GLU A 39 20.38 23.26 -1.88
N ARG A 40 19.39 23.05 -2.74
CA ARG A 40 18.34 24.04 -2.97
C ARG A 40 17.42 24.18 -1.77
N TYR A 41 17.15 23.07 -1.09
CA TYR A 41 16.33 23.10 0.13
C TYR A 41 16.92 24.03 1.16
N LEU A 42 18.22 23.89 1.36
CA LEU A 42 18.95 24.67 2.35
C LEU A 42 19.07 26.13 1.91
N LYS A 43 19.28 26.33 0.62
CA LYS A 43 19.33 27.67 0.04
C LYS A 43 18.04 28.43 0.32
N GLU A 44 16.92 27.74 0.20
CA GLU A 44 15.61 28.33 0.41
C GLU A 44 15.22 28.33 1.89
N GLY A 45 16.11 27.81 2.73
CA GLY A 45 15.86 27.72 4.15
C GLY A 45 14.66 26.87 4.48
N LEU A 46 14.55 25.73 3.81
CA LEU A 46 13.45 24.80 4.04
C LEU A 46 13.86 23.56 4.82
N TYR A 47 13.05 23.21 5.81
CA TYR A 47 13.19 21.91 6.47
C TYR A 47 12.25 20.94 5.78
N VAL A 48 12.81 19.92 5.13
CA VAL A 48 12.05 19.07 4.24
C VAL A 48 11.69 17.73 4.86
N LEU A 49 10.41 17.38 4.79
CA LEU A 49 9.90 16.13 5.34
C LEU A 49 9.36 15.24 4.23
N ASN A 50 9.67 13.95 4.30
CA ASN A 50 9.19 12.97 3.34
C ASN A 50 8.31 11.93 4.04
N PHE A 51 7.01 11.99 3.80
CA PHE A 51 6.06 11.09 4.44
C PHE A 51 5.73 9.88 3.56
N MET A 52 5.95 8.69 4.10
CA MET A 52 5.71 7.45 3.38
C MET A 52 4.77 6.55 4.16
N SER A 53 3.91 5.84 3.44
CA SER A 53 2.98 4.89 4.06
C SER A 53 2.30 4.07 2.98
N SER A 54 1.48 3.12 3.40
CA SER A 54 0.56 2.43 2.50
C SER A 54 -0.48 3.43 2.00
N PRO A 55 -1.12 3.13 0.87
CA PRO A 55 -2.28 3.95 0.51
C PRO A 55 -3.32 3.98 1.64
N GLY A 56 -3.81 5.18 1.98
CA GLY A 56 -4.87 5.31 2.96
C GLY A 56 -4.50 5.27 4.42
N SER A 57 -3.22 5.35 4.74
CA SER A 57 -2.79 5.37 6.15
C SER A 57 -3.15 6.68 6.87
N GLY A 58 -3.50 7.71 6.12
CA GLY A 58 -3.90 8.98 6.74
C GLY A 58 -2.97 10.17 6.52
N LYS A 59 -2.14 10.11 5.49
CA LYS A 59 -1.19 11.19 5.20
C LYS A 59 -1.84 12.54 4.90
N THR A 60 -2.75 12.57 3.94
CA THR A 60 -3.39 13.82 3.53
C THR A 60 -4.22 14.42 4.67
N THR A 61 -4.94 13.57 5.40
CA THR A 61 -5.74 14.02 6.53
C THR A 61 -4.85 14.66 7.58
N MET A 62 -3.70 14.05 7.83
CA MET A 62 -2.75 14.58 8.79
C MET A 62 -2.28 15.98 8.40
N LEU A 63 -1.93 16.15 7.13
CA LEU A 63 -1.47 17.44 6.62
C LEU A 63 -2.59 18.48 6.70
N GLU A 64 -3.83 18.06 6.40
CA GLU A 64 -4.98 18.95 6.55
C GLU A 64 -5.11 19.46 7.99
N ASN A 65 -4.87 18.55 8.94
CA ASN A 65 -4.94 18.91 10.35
C ASN A 65 -3.76 19.76 10.81
N LEU A 66 -2.59 19.53 10.22
CA LEU A 66 -1.40 20.32 10.54
C LEU A 66 -1.55 21.77 10.10
N ALA A 67 -2.32 21.99 9.03
CA ALA A 67 -2.57 23.33 8.52
C ALA A 67 -3.30 24.23 9.51
N ASP A 68 -3.88 23.62 10.55
CA ASP A 68 -4.60 24.38 11.57
C ASP A 68 -3.66 25.02 12.59
N PHE A 69 -2.39 24.64 12.57
CA PHE A 69 -1.41 25.25 13.45
C PHE A 69 -0.69 26.39 12.73
N LYS A 70 -0.96 27.62 13.18
CA LYS A 70 -0.50 28.81 12.49
C LYS A 70 1.01 28.99 12.63
N ASP A 71 1.57 28.40 13.67
CA ASP A 71 3.02 28.42 13.87
C ASP A 71 3.71 27.34 13.04
N PHE A 72 2.94 26.59 12.27
CA PHE A 72 3.51 25.55 11.41
C PHE A 72 3.30 25.92 9.95
N LYS A 73 4.33 26.52 9.36
CA LYS A 73 4.24 27.09 8.02
C LYS A 73 4.88 26.15 7.01
N PHE A 74 4.05 25.61 6.11
CA PHE A 74 4.54 24.63 5.14
C PHE A 74 3.81 24.68 3.81
N CYS A 75 4.47 24.15 2.78
CA CYS A 75 3.84 23.90 1.48
C CYS A 75 4.05 22.44 1.14
N VAL A 76 3.31 21.92 0.17
CA VAL A 76 3.30 20.48 -0.06
C VAL A 76 3.60 20.10 -1.50
N VAL A 77 4.40 19.05 -1.65
CA VAL A 77 4.55 18.36 -2.93
C VAL A 77 3.85 17.00 -2.83
N GLU A 78 2.85 16.79 -3.67
CA GLU A 78 2.02 15.58 -3.60
C GLU A 78 2.41 14.58 -4.68
N GLY A 79 2.64 13.34 -4.27
CA GLY A 79 2.96 12.29 -5.23
C GLY A 79 1.84 11.27 -5.37
N ASP A 80 1.26 11.22 -6.56
CA ASP A 80 0.25 10.21 -6.88
C ASP A 80 0.44 9.73 -8.31
N LEU A 81 -0.14 8.59 -8.63
CA LEU A 81 -0.15 8.12 -10.01
C LEU A 81 -0.99 9.05 -10.89
N GLN A 82 -2.22 9.32 -10.47
CA GLN A 82 -3.12 10.19 -11.23
C GLN A 82 -4.04 11.00 -10.31
N THR A 83 -4.73 11.98 -10.90
CA THR A 83 -5.69 12.87 -10.23
C THR A 83 -5.00 13.86 -9.30
N ASN A 84 -5.66 15.01 -9.10
CA ASN A 84 -5.22 16.01 -8.15
C ASN A 84 -6.09 15.97 -6.91
N ARG A 85 -6.47 14.77 -6.46
CA ARG A 85 -7.42 14.65 -5.38
C ARG A 85 -6.81 15.08 -4.04
N ASP A 86 -5.60 14.61 -3.74
CA ASP A 86 -4.95 14.99 -2.49
C ASP A 86 -4.56 16.48 -2.49
N ALA A 87 -4.01 16.94 -3.61
CA ALA A 87 -3.56 18.34 -3.72
C ALA A 87 -4.73 19.30 -3.56
N ASP A 88 -5.87 18.95 -4.16
CA ASP A 88 -7.08 19.76 -4.05
C ASP A 88 -7.61 19.85 -2.62
N ARG A 89 -7.63 18.72 -1.92
CA ARG A 89 -8.03 18.71 -0.52
C ARG A 89 -7.19 19.68 0.31
N LEU A 90 -5.88 19.71 0.02
CA LEU A 90 -4.95 20.56 0.75
C LEU A 90 -5.13 22.04 0.39
N ARG A 91 -5.35 22.31 -0.89
CA ARG A 91 -5.53 23.69 -1.35
C ARG A 91 -6.86 24.25 -0.85
N LYS A 92 -7.86 23.39 -0.73
CA LYS A 92 -9.13 23.75 -0.10
C LYS A 92 -8.93 24.24 1.33
N LYS A 93 -7.83 23.81 1.96
CA LYS A 93 -7.52 24.22 3.33
C LYS A 93 -6.53 25.39 3.42
N GLY A 94 -6.18 25.97 2.28
CA GLY A 94 -5.27 27.11 2.28
C GLY A 94 -3.79 26.76 2.21
N VAL A 95 -3.49 25.51 1.93
CA VAL A 95 -2.10 25.05 1.82
C VAL A 95 -1.64 25.07 0.37
N SER A 96 -0.53 25.77 0.11
CA SER A 96 0.07 25.74 -1.20
C SER A 96 0.60 24.33 -1.46
N ALA A 97 0.07 23.69 -2.49
CA ALA A 97 0.36 22.30 -2.77
C ALA A 97 0.41 22.08 -4.27
N HIS A 98 1.36 21.27 -4.72
N HIS A 98 1.33 21.24 -4.71
CA HIS A 98 1.41 20.89 -6.13
CA HIS A 98 1.38 20.89 -6.12
C HIS A 98 1.47 19.37 -6.27
C HIS A 98 1.51 19.39 -6.32
N GLN A 99 0.69 18.87 -7.22
CA GLN A 99 0.59 17.45 -7.45
C GLN A 99 1.63 16.98 -8.46
N ILE A 100 2.37 15.94 -8.10
CA ILE A 100 3.18 15.23 -9.08
C ILE A 100 2.43 13.99 -9.52
N THR A 101 2.14 13.90 -10.81
CA THR A 101 1.49 12.70 -11.33
C THR A 101 2.59 11.83 -11.93
N THR A 102 2.84 10.69 -11.27
CA THR A 102 3.89 9.77 -11.68
C THR A 102 3.43 8.90 -12.85
N GLY A 103 2.13 8.83 -13.04
CA GLY A 103 1.56 8.01 -14.09
C GLY A 103 1.55 6.55 -13.73
N GLU A 104 2.71 5.90 -13.79
CA GLU A 104 2.79 4.49 -13.42
C GLU A 104 3.81 4.22 -12.31
N ALA A 105 4.73 5.15 -12.08
CA ALA A 105 5.80 4.93 -11.11
C ALA A 105 5.24 4.87 -9.69
N CYS A 106 5.72 3.88 -8.92
CA CYS A 106 5.16 3.57 -7.61
C CYS A 106 5.79 4.39 -6.50
N HIS A 107 6.53 5.41 -6.87
CA HIS A 107 7.37 6.14 -5.92
C HIS A 107 7.78 7.48 -6.52
N LEU A 108 8.26 8.37 -5.67
CA LEU A 108 8.83 9.62 -6.14
C LEU A 108 10.33 9.48 -6.32
N GLU A 109 10.89 10.27 -7.23
CA GLU A 109 12.34 10.37 -7.40
C GLU A 109 12.74 11.83 -7.31
N ALA A 110 14.00 12.07 -6.97
CA ALA A 110 14.48 13.43 -6.73
C ALA A 110 14.27 14.36 -7.93
N SER A 111 14.46 13.83 -9.14
CA SER A 111 14.24 14.60 -10.36
C SER A 111 12.78 15.07 -10.50
N MET A 112 11.85 14.33 -9.91
CA MET A 112 10.44 14.70 -9.96
C MET A 112 10.13 15.89 -9.05
N ILE A 113 10.88 16.02 -7.97
CA ILE A 113 10.67 17.11 -7.01
C ILE A 113 11.02 18.46 -7.63
N GLU A 114 12.00 18.48 -8.53
CA GLU A 114 12.55 19.71 -9.06
C GLU A 114 11.49 20.59 -9.71
N GLY A 115 10.66 19.98 -10.54
CA GLY A 115 9.60 20.68 -11.24
C GLY A 115 8.61 21.33 -10.28
N ALA A 116 8.16 20.55 -9.30
CA ALA A 116 7.22 21.04 -8.30
C ALA A 116 7.86 22.13 -7.44
N PHE A 117 9.13 21.93 -7.12
CA PHE A 117 9.91 22.90 -6.35
C PHE A 117 9.98 24.25 -7.06
N ASP A 118 10.29 24.22 -8.36
CA ASP A 118 10.39 25.44 -9.16
C ASP A 118 9.07 26.21 -9.19
N LEU A 119 7.97 25.50 -9.38
CA LEU A 119 6.64 26.12 -9.38
C LEU A 119 6.33 26.78 -8.04
N LEU A 120 6.55 26.03 -6.96
CA LEU A 120 6.30 26.54 -5.61
C LEU A 120 7.18 27.74 -5.31
N LYS A 121 8.40 27.72 -5.84
CA LYS A 121 9.30 28.86 -5.69
C LYS A 121 8.74 30.08 -6.40
N ASP A 122 8.38 29.91 -7.67
CA ASP A 122 7.89 31.01 -8.50
C ASP A 122 6.58 31.57 -7.98
N GLU A 123 5.83 30.74 -7.26
CA GLU A 123 4.54 31.15 -6.71
C GLU A 123 4.71 31.86 -5.37
N GLY A 124 5.92 31.81 -4.81
CA GLY A 124 6.21 32.47 -3.56
C GLY A 124 5.92 31.62 -2.34
N ALA A 125 5.53 30.38 -2.58
CA ALA A 125 5.18 29.45 -1.50
C ALA A 125 6.38 29.10 -0.62
N LEU A 126 7.56 28.99 -1.23
CA LEU A 126 8.77 28.63 -0.50
C LEU A 126 9.23 29.74 0.43
N GLU A 127 9.08 30.99 -0.01
CA GLU A 127 9.48 32.14 0.80
C GLU A 127 8.73 32.19 2.12
N LYS A 128 7.46 31.78 2.12
CA LYS A 128 6.63 31.84 3.31
C LYS A 128 6.65 30.58 4.16
N SER A 129 7.43 29.57 3.74
CA SER A 129 7.39 28.29 4.41
C SER A 129 8.66 27.97 5.19
N ASP A 130 8.49 27.37 6.37
CA ASP A 130 9.60 26.82 7.14
C ASP A 130 9.80 25.36 6.77
N PHE A 131 8.73 24.74 6.27
CA PHE A 131 8.76 23.33 5.93
C PHE A 131 8.29 23.11 4.51
N LEU A 132 8.97 22.21 3.80
CA LEU A 132 8.45 21.68 2.55
C LEU A 132 8.15 20.23 2.78
N ILE A 133 6.90 19.85 2.58
CA ILE A 133 6.46 18.50 2.91
C ILE A 133 6.17 17.70 1.64
N ILE A 134 6.86 16.56 1.53
CA ILE A 134 6.63 15.64 0.44
C ILE A 134 5.73 14.50 0.89
N GLU A 135 4.54 14.39 0.30
CA GLU A 135 3.71 13.22 0.53
C GLU A 135 3.93 12.23 -0.60
N ASN A 136 4.62 11.15 -0.27
CA ASN A 136 5.01 10.17 -1.28
C ASN A 136 3.85 9.32 -1.76
N VAL A 137 4.06 8.65 -2.89
CA VAL A 137 3.11 7.67 -3.42
C VAL A 137 2.80 6.61 -2.37
N GLY A 138 1.52 6.26 -2.23
CA GLY A 138 1.14 5.18 -1.33
C GLY A 138 1.79 3.87 -1.74
N ASN A 139 2.70 3.40 -0.89
CA ASN A 139 3.55 2.25 -1.17
C ASN A 139 4.48 2.02 0.01
N LEU A 140 4.44 0.83 0.60
CA LEU A 140 5.31 0.53 1.74
C LEU A 140 6.65 -0.08 1.33
N VAL A 141 6.93 -0.12 0.04
CA VAL A 141 8.16 -0.76 -0.44
C VAL A 141 9.07 0.23 -1.16
N CYS A 142 8.78 0.50 -2.43
CA CYS A 142 9.70 1.20 -3.33
C CYS A 142 10.16 2.61 -2.91
N PRO A 143 9.31 3.41 -2.25
CA PRO A 143 9.87 4.72 -1.88
C PRO A 143 10.99 4.64 -0.85
N SER A 144 11.14 3.49 -0.19
CA SER A 144 12.24 3.29 0.75
C SER A 144 13.62 3.25 0.07
N SER A 145 13.62 3.19 -1.25
CA SER A 145 14.86 3.06 -2.01
C SER A 145 15.28 4.35 -2.72
N TYR A 146 14.56 5.44 -2.50
CA TYR A 146 14.85 6.68 -3.20
C TYR A 146 15.01 7.90 -2.28
N ASN A 147 16.25 8.29 -2.04
CA ASN A 147 16.56 9.54 -1.34
C ASN A 147 15.94 10.73 -2.07
N LEU A 148 15.22 11.57 -1.33
CA LEU A 148 14.65 12.78 -1.93
C LEU A 148 15.32 14.03 -1.35
N GLY A 149 16.40 13.83 -0.61
CA GLY A 149 17.11 14.93 0.02
C GLY A 149 16.45 15.45 1.28
N ALA A 150 15.48 14.70 1.82
CA ALA A 150 14.73 15.15 2.98
C ALA A 150 15.57 15.20 4.25
N ALA A 151 15.22 16.11 5.14
CA ALA A 151 15.82 16.16 6.48
C ALA A 151 15.28 15.00 7.33
N MET A 152 14.00 14.70 7.15
CA MET A 152 13.39 13.58 7.84
C MET A 152 12.52 12.77 6.90
N ASN A 153 12.62 11.45 7.05
CA ASN A 153 11.73 10.53 6.37
C ASN A 153 10.86 9.87 7.42
N ILE A 154 9.56 10.11 7.35
CA ILE A 154 8.64 9.66 8.38
C ILE A 154 7.60 8.70 7.81
N VAL A 155 7.43 7.57 8.50
CA VAL A 155 6.55 6.50 8.04
C VAL A 155 5.30 6.36 8.89
N LEU A 156 4.13 6.35 8.25
CA LEU A 156 2.88 6.08 8.94
C LEU A 156 2.52 4.61 8.85
N LEU A 157 2.15 4.03 9.98
CA LEU A 157 1.52 2.72 10.01
C LEU A 157 0.16 2.86 10.66
N SER A 158 -0.90 2.64 9.88
CA SER A 158 -2.25 2.83 10.42
C SER A 158 -2.70 1.57 11.13
N VAL A 159 -3.47 1.77 12.20
CA VAL A 159 -3.96 0.66 13.01
C VAL A 159 -4.68 -0.43 12.19
N PRO A 160 -5.58 -0.04 11.25
CA PRO A 160 -6.25 -1.08 10.49
C PRO A 160 -5.33 -1.97 9.62
N GLU A 161 -4.12 -1.51 9.32
CA GLU A 161 -3.20 -2.29 8.49
C GLU A 161 -2.68 -3.54 9.21
N GLY A 162 -2.64 -3.49 10.54
CA GLY A 162 -2.14 -4.61 11.32
C GLY A 162 -0.85 -4.26 12.05
N ASP A 163 -0.70 -4.77 13.27
CA ASP A 163 0.44 -4.45 14.12
C ASP A 163 1.68 -5.27 13.76
N ASP A 164 1.58 -6.05 12.70
CA ASP A 164 2.65 -6.95 12.28
C ASP A 164 3.46 -6.42 11.10
N LYS A 165 3.14 -5.22 10.66
CA LYS A 165 3.63 -4.76 9.35
C LYS A 165 5.09 -4.32 9.38
N VAL A 166 5.61 -3.99 10.56
CA VAL A 166 6.96 -3.44 10.66
C VAL A 166 7.98 -4.46 10.15
N LEU A 167 7.91 -5.68 10.64
CA LEU A 167 8.83 -6.72 10.21
C LEU A 167 8.55 -7.23 8.79
N LYS A 168 7.34 -6.98 8.30
CA LYS A 168 6.99 -7.38 6.93
C LYS A 168 7.57 -6.42 5.91
N TYR A 169 7.77 -5.17 6.32
CA TYR A 169 8.37 -4.19 5.42
C TYR A 169 9.56 -3.50 6.11
N PRO A 170 10.58 -4.30 6.48
CA PRO A 170 11.68 -3.80 7.31
C PRO A 170 12.48 -2.67 6.66
N THR A 171 12.65 -2.69 5.34
CA THR A 171 13.47 -1.68 4.68
C THR A 171 12.80 -0.30 4.74
N MET A 172 11.48 -0.26 4.65
CA MET A 172 10.77 1.01 4.81
C MET A 172 10.93 1.57 6.22
N PHE A 173 10.72 0.73 7.22
CA PHE A 173 10.76 1.19 8.60
C PHE A 173 12.19 1.48 9.10
N MET A 174 13.19 0.86 8.47
CA MET A 174 14.58 1.17 8.81
C MET A 174 15.04 2.54 8.26
N CYS A 175 14.29 3.12 7.33
CA CYS A 175 14.66 4.44 6.83
C CYS A 175 13.93 5.56 7.57
N ALA A 176 13.06 5.17 8.50
CA ALA A 176 12.28 6.14 9.27
C ALA A 176 13.11 6.84 10.34
N ASP A 177 13.01 8.17 10.37
CA ASP A 177 13.53 8.96 11.49
C ASP A 177 12.46 9.06 12.56
N ALA A 178 11.24 8.67 12.20
CA ALA A 178 10.12 8.62 13.13
C ALA A 178 9.02 7.75 12.54
N VAL A 179 8.29 7.05 13.41
CA VAL A 179 7.17 6.25 12.97
C VAL A 179 5.90 6.78 13.63
N ILE A 180 4.86 6.95 12.83
CA ILE A 180 3.57 7.36 13.36
C ILE A 180 2.57 6.22 13.29
N ILE A 181 2.05 5.80 14.44
CA ILE A 181 0.92 4.88 14.44
C ILE A 181 -0.35 5.69 14.27
N SER A 182 -0.89 5.70 13.06
CA SER A 182 -1.99 6.58 12.73
C SER A 182 -3.32 5.89 12.94
N LYS A 183 -4.40 6.67 12.97
CA LYS A 183 -5.75 6.19 13.30
C LYS A 183 -5.74 5.45 14.63
N ALA A 184 -5.06 6.04 15.62
CA ALA A 184 -4.91 5.44 16.94
C ALA A 184 -6.23 5.29 17.68
N ASP A 185 -7.26 6.02 17.22
CA ASP A 185 -8.61 5.87 17.75
C ASP A 185 -9.19 4.47 17.51
N MET A 186 -8.58 3.73 16.59
CA MET A 186 -9.09 2.43 16.16
C MET A 186 -8.43 1.23 16.85
N VAL A 187 -7.55 1.49 17.82
CA VAL A 187 -6.77 0.43 18.45
C VAL A 187 -7.63 -0.68 19.06
N GLU A 188 -8.69 -0.31 19.76
CA GLU A 188 -9.52 -1.27 20.46
C GLU A 188 -10.34 -2.19 19.54
N VAL A 189 -10.99 -1.59 18.54
CA VAL A 189 -11.82 -2.39 17.62
C VAL A 189 -10.99 -3.34 16.74
N PHE A 190 -9.70 -3.05 16.57
CA PHE A 190 -8.84 -3.92 15.78
C PHE A 190 -7.95 -4.84 16.64
N ASN A 191 -8.06 -4.73 17.96
CA ASN A 191 -7.22 -5.47 18.88
C ASN A 191 -5.74 -5.27 18.52
N PHE A 192 -5.41 -4.03 18.17
CA PHE A 192 -4.09 -3.65 17.68
C PHE A 192 -3.13 -3.59 18.86
N ARG A 193 -1.97 -4.21 18.71
CA ARG A 193 -0.98 -4.23 19.79
C ARG A 193 0.18 -3.27 19.51
N VAL A 194 0.09 -2.09 20.10
CA VAL A 194 1.15 -1.09 20.07
C VAL A 194 2.48 -1.68 20.52
N SER A 195 2.41 -2.61 21.48
CA SER A 195 3.61 -3.30 21.97
C SER A 195 4.34 -4.03 20.86
N GLN A 196 3.60 -4.61 19.92
CA GLN A 196 4.21 -5.35 18.81
C GLN A 196 5.02 -4.41 17.92
N VAL A 197 4.43 -3.27 17.57
CA VAL A 197 5.10 -2.27 16.76
C VAL A 197 6.34 -1.74 17.49
N LYS A 198 6.17 -1.48 18.79
CA LYS A 198 7.27 -0.96 19.60
C LYS A 198 8.43 -1.94 19.63
N GLU A 199 8.12 -3.23 19.81
CA GLU A 199 9.15 -4.25 19.94
C GLU A 199 9.83 -4.53 18.61
N ASP A 200 9.05 -4.50 17.54
CA ASP A 200 9.59 -4.68 16.19
C ASP A 200 10.52 -3.53 15.82
N MET A 201 10.11 -2.31 16.14
CA MET A 201 10.95 -1.14 15.89
C MET A 201 12.18 -1.17 16.79
N GLN A 202 12.05 -1.76 17.96
CA GLN A 202 13.18 -1.90 18.87
C GLN A 202 14.31 -2.71 18.23
N LYS A 203 13.92 -3.75 17.49
CA LYS A 203 14.88 -4.60 16.78
C LYS A 203 15.47 -3.89 15.56
N LEU A 204 14.61 -3.21 14.81
CA LEU A 204 15.00 -2.61 13.54
C LEU A 204 15.76 -1.31 13.71
N LYS A 205 15.16 -0.37 14.44
CA LYS A 205 15.70 0.98 14.55
C LYS A 205 15.25 1.62 15.86
N PRO A 206 15.91 1.24 16.97
CA PRO A 206 15.53 1.65 18.32
C PRO A 206 15.63 3.15 18.58
N GLU A 207 16.41 3.87 17.78
CA GLU A 207 16.57 5.31 17.98
C GLU A 207 15.37 6.09 17.46
N ALA A 208 14.56 5.47 16.61
CA ALA A 208 13.43 6.15 16.01
C ALA A 208 12.26 6.25 16.97
N PRO A 209 11.75 7.47 17.20
CA PRO A 209 10.59 7.69 18.07
C PRO A 209 9.30 7.19 17.44
N ILE A 210 8.34 6.78 18.26
CA ILE A 210 7.05 6.32 17.78
C ILE A 210 5.93 7.21 18.31
N PHE A 211 5.04 7.63 17.43
CA PHE A 211 3.93 8.52 17.82
C PHE A 211 2.58 7.86 17.61
N LEU A 212 1.73 7.93 18.64
CA LEU A 212 0.33 7.57 18.49
C LEU A 212 -0.43 8.81 18.00
N MET A 213 -1.11 8.68 16.87
CA MET A 213 -1.78 9.83 16.28
C MET A 213 -3.19 9.48 15.86
N SER A 214 -4.12 10.39 16.13
CA SER A 214 -5.48 10.27 15.61
C SER A 214 -5.97 11.63 15.15
N SER A 215 -6.70 11.64 14.04
CA SER A 215 -7.32 12.86 13.55
C SER A 215 -8.36 13.39 14.54
N LYS A 216 -8.80 12.52 15.45
CA LYS A 216 -9.78 12.86 16.46
C LYS A 216 -9.10 13.35 17.73
N ASP A 217 -7.77 13.39 17.71
CA ASP A 217 -6.99 13.78 18.89
C ASP A 217 -6.06 14.94 18.51
N PRO A 218 -6.56 16.17 18.65
CA PRO A 218 -5.80 17.41 18.40
C PRO A 218 -4.49 17.47 19.17
N LYS A 219 -4.49 16.91 20.37
CA LYS A 219 -3.31 16.92 21.23
C LYS A 219 -2.16 16.11 20.62
N SER A 220 -2.50 15.00 19.97
CA SER A 220 -1.50 14.18 19.29
C SER A 220 -0.91 14.92 18.10
N LEU A 221 -1.76 15.68 17.41
CA LEU A 221 -1.32 16.47 16.27
C LEU A 221 -0.39 17.56 16.75
N GLU A 222 -0.78 18.19 17.85
CA GLU A 222 0.00 19.27 18.46
C GLU A 222 1.36 18.79 18.93
N ASP A 223 1.40 17.59 19.52
CA ASP A 223 2.66 17.03 19.99
C ASP A 223 3.60 16.75 18.84
N PHE A 224 3.07 16.23 17.74
CA PHE A 224 3.88 15.88 16.58
C PHE A 224 4.38 17.15 15.89
N LYS A 225 3.53 18.17 15.87
CA LYS A 225 3.89 19.47 15.31
C LYS A 225 5.07 20.08 16.04
N ASN A 226 5.02 20.05 17.37
CA ASN A 226 6.08 20.62 18.20
C ASN A 226 7.37 19.83 18.03
N PHE A 227 7.24 18.52 17.84
CA PHE A 227 8.37 17.65 17.53
C PHE A 227 9.07 18.10 16.25
N LEU A 228 8.28 18.38 15.22
CA LEU A 228 8.83 18.84 13.94
C LEU A 228 9.51 20.19 14.08
N LEU A 229 8.90 21.07 14.87
CA LEU A 229 9.45 22.40 15.11
C LEU A 229 10.80 22.32 15.79
N GLU A 230 10.93 21.40 16.74
CA GLU A 230 12.17 21.23 17.46
C GLU A 230 13.24 20.61 16.56
N LYS A 231 12.82 19.72 15.68
CA LYS A 231 13.74 19.07 14.75
C LYS A 231 14.33 20.09 13.78
N LYS A 232 13.50 21.01 13.29
CA LYS A 232 13.99 22.10 12.46
C LYS A 232 14.95 22.98 13.24
N ARG A 233 14.62 23.21 14.51
CA ARG A 233 15.44 24.01 15.41
C ARG A 233 16.84 23.42 15.53
N GLU A 234 16.92 22.12 15.75
CA GLU A 234 18.18 21.39 15.85
C GLU A 234 18.85 21.26 14.49
N ASN A 235 18.07 21.51 13.43
CA ASN A 235 18.45 21.18 12.06
C ASN A 235 18.89 19.72 11.96
N TYR A 236 18.05 18.82 12.46
CA TYR A 236 18.27 17.40 12.25
C TYR A 236 18.22 17.07 10.76
N GLN A 237 19.26 16.42 10.27
CA GLN A 237 19.32 16.02 8.87
C GLN A 237 19.71 14.56 8.79
N SER A 238 18.76 13.73 8.37
CA SER A 238 18.97 12.29 8.31
C SER A 238 20.17 11.92 7.45
N THR A 239 20.98 11.01 7.95
CA THR A 239 22.13 10.53 7.19
C THR A 239 21.81 9.16 6.60
N HIS A 240 20.53 8.83 6.53
CA HIS A 240 20.13 7.50 6.05
C HIS A 240 20.50 7.28 4.60
N SER A 241 21.05 6.12 4.32
CA SER A 241 21.40 5.74 2.96
C SER A 241 20.32 4.90 2.30
N PHE A 242 19.86 5.36 1.15
CA PHE A 242 18.77 4.71 0.45
C PHE A 242 19.29 3.75 -0.62
N SER B 28 9.38 -8.08 -21.93
CA SER B 28 8.43 -9.01 -22.50
C SER B 28 8.70 -10.41 -21.96
N LYS B 29 9.76 -10.50 -21.16
CA LYS B 29 10.20 -11.72 -20.51
C LYS B 29 9.11 -12.34 -19.63
N ASN B 30 8.50 -11.49 -18.79
CA ASN B 30 7.45 -11.92 -17.88
C ASN B 30 6.18 -12.42 -18.57
N ASP B 31 5.78 -11.75 -19.65
CA ASP B 31 4.60 -12.16 -20.40
C ASP B 31 4.77 -13.57 -20.97
N ILE B 32 5.98 -13.86 -21.48
CA ILE B 32 6.32 -15.19 -21.96
C ILE B 32 6.22 -16.21 -20.83
N LYS B 33 6.91 -15.91 -19.73
CA LYS B 33 6.94 -16.78 -18.55
C LYS B 33 5.54 -16.97 -17.95
N ALA B 34 4.74 -15.91 -17.98
CA ALA B 34 3.35 -15.99 -17.51
C ALA B 34 2.54 -16.95 -18.37
N ALA B 35 2.77 -16.90 -19.67
CA ALA B 35 2.10 -17.81 -20.60
C ALA B 35 2.53 -19.26 -20.36
N GLU B 36 3.80 -19.45 -20.03
CA GLU B 36 4.34 -20.78 -19.76
C GLU B 36 3.81 -21.35 -18.46
N MET B 37 3.62 -20.49 -17.45
CA MET B 37 3.04 -20.94 -16.19
C MET B 37 1.58 -21.31 -16.37
N LYS B 38 0.86 -20.56 -17.22
CA LYS B 38 -0.54 -20.86 -17.50
C LYS B 38 -0.73 -22.25 -18.12
N GLU B 39 0.22 -22.66 -18.96
CA GLU B 39 0.24 -24.03 -19.47
C GLU B 39 0.19 -25.03 -18.33
N ARG B 40 1.04 -24.81 -17.33
CA ARG B 40 1.14 -25.71 -16.19
C ARG B 40 -0.10 -25.65 -15.30
N TYR B 41 -0.68 -24.46 -15.15
CA TYR B 41 -1.91 -24.31 -14.37
C TYR B 41 -3.01 -25.19 -14.93
N LEU B 42 -3.15 -25.15 -16.26
CA LEU B 42 -4.18 -25.91 -16.94
C LEU B 42 -3.90 -27.41 -16.93
N LYS B 43 -2.63 -27.77 -17.11
CA LYS B 43 -2.22 -29.16 -17.02
C LYS B 43 -2.59 -29.75 -15.66
N GLU B 44 -2.41 -28.95 -14.61
CA GLU B 44 -2.70 -29.38 -13.25
C GLU B 44 -4.18 -29.20 -12.90
N GLY B 45 -4.95 -28.69 -13.85
CA GLY B 45 -6.38 -28.47 -13.63
C GLY B 45 -6.65 -27.48 -12.52
N LEU B 46 -5.89 -26.38 -12.50
CA LEU B 46 -6.06 -25.35 -11.48
C LEU B 46 -6.73 -24.10 -12.03
N TYR B 47 -7.70 -23.58 -11.29
CA TYR B 47 -8.24 -22.25 -11.57
C TYR B 47 -7.49 -21.26 -10.70
N VAL B 48 -6.72 -20.38 -11.34
CA VAL B 48 -5.76 -19.56 -10.61
C VAL B 48 -6.23 -18.12 -10.39
N LEU B 49 -6.16 -17.69 -9.14
CA LEU B 49 -6.59 -16.36 -8.74
C LEU B 49 -5.41 -15.56 -8.23
N ASN B 50 -5.34 -14.29 -8.64
CA ASN B 50 -4.29 -13.39 -8.20
C ASN B 50 -4.87 -12.23 -7.41
N PHE B 51 -4.67 -12.26 -6.10
CA PHE B 51 -5.22 -11.23 -5.23
C PHE B 51 -4.22 -10.12 -4.96
N MET B 52 -4.62 -8.89 -5.27
CA MET B 52 -3.79 -7.71 -5.11
C MET B 52 -4.48 -6.68 -4.24
N SER B 53 -3.69 -5.98 -3.42
CA SER B 53 -4.21 -4.92 -2.57
C SER B 53 -3.08 -4.14 -1.92
N SER B 54 -3.43 -3.09 -1.19
CA SER B 54 -2.49 -2.43 -0.30
C SER B 54 -2.14 -3.40 0.83
N PRO B 55 -1.00 -3.17 1.49
CA PRO B 55 -0.74 -3.92 2.73
C PRO B 55 -1.87 -3.74 3.72
N GLY B 56 -2.35 -4.85 4.30
CA GLY B 56 -3.36 -4.78 5.36
C GLY B 56 -4.81 -4.63 4.93
N SER B 57 -5.08 -4.81 3.64
CA SER B 57 -6.45 -4.71 3.14
C SER B 57 -7.34 -5.90 3.58
N GLY B 58 -6.72 -6.97 4.07
CA GLY B 58 -7.47 -8.11 4.55
C GLY B 58 -7.34 -9.39 3.74
N LYS B 59 -6.29 -9.50 2.93
CA LYS B 59 -6.08 -10.68 2.09
C LYS B 59 -5.94 -11.98 2.88
N THR B 60 -5.02 -12.00 3.84
CA THR B 60 -4.75 -13.21 4.62
C THR B 60 -5.98 -13.63 5.43
N THR B 61 -6.66 -12.67 6.03
CA THR B 61 -7.87 -12.96 6.80
C THR B 61 -8.95 -13.57 5.91
N MET B 62 -9.11 -13.02 4.70
CA MET B 62 -10.09 -13.54 3.75
C MET B 62 -9.82 -15.00 3.39
N LEU B 63 -8.55 -15.31 3.12
CA LEU B 63 -8.17 -16.68 2.76
C LEU B 63 -8.37 -17.64 3.93
N GLU B 64 -8.07 -17.19 5.14
CA GLU B 64 -8.32 -17.99 6.34
C GLU B 64 -9.81 -18.34 6.45
N ASN B 65 -10.66 -17.36 6.17
CA ASN B 65 -12.10 -17.55 6.22
C ASN B 65 -12.63 -18.41 5.07
N LEU B 66 -11.98 -18.33 3.91
CA LEU B 66 -12.38 -19.15 2.76
C LEU B 66 -12.11 -20.63 3.03
N ALA B 67 -11.09 -20.91 3.85
CA ALA B 67 -10.74 -22.27 4.21
C ALA B 67 -11.85 -22.99 4.98
N ASP B 68 -12.83 -22.23 5.48
CA ASP B 68 -13.93 -22.81 6.23
C ASP B 68 -14.99 -23.42 5.33
N PHE B 69 -14.89 -23.17 4.02
CA PHE B 69 -15.80 -23.75 3.05
C PHE B 69 -15.22 -25.02 2.45
N LYS B 70 -15.83 -26.16 2.78
CA LYS B 70 -15.29 -27.46 2.39
C LYS B 70 -15.42 -27.72 0.90
N ASP B 71 -16.37 -27.05 0.25
CA ASP B 71 -16.53 -27.16 -1.19
C ASP B 71 -15.58 -26.23 -1.94
N PHE B 72 -14.74 -25.52 -1.21
CA PHE B 72 -13.77 -24.61 -1.83
C PHE B 72 -12.36 -25.13 -1.58
N LYS B 73 -11.83 -25.84 -2.57
CA LYS B 73 -10.55 -26.52 -2.42
C LYS B 73 -9.41 -25.73 -3.04
N PHE B 74 -8.51 -25.22 -2.22
CA PHE B 74 -7.44 -24.37 -2.72
C PHE B 74 -6.14 -24.50 -1.94
N CYS B 75 -5.05 -24.13 -2.60
CA CYS B 75 -3.76 -23.97 -1.97
C CYS B 75 -3.25 -22.56 -2.29
N VAL B 76 -2.24 -22.11 -1.56
CA VAL B 76 -1.83 -20.71 -1.65
C VAL B 76 -0.34 -20.55 -1.93
N VAL B 77 -0.03 -19.61 -2.83
CA VAL B 77 1.31 -19.11 -3.00
C VAL B 77 1.34 -17.69 -2.43
N GLU B 78 2.16 -17.50 -1.41
CA GLU B 78 2.21 -16.24 -0.66
C GLU B 78 3.41 -15.39 -1.03
N GLY B 79 3.16 -14.12 -1.35
CA GLY B 79 4.22 -13.20 -1.71
C GLY B 79 4.51 -12.15 -0.65
N ASP B 80 5.75 -12.18 -0.15
N ASP B 80 5.75 -12.10 -0.20
CA ASP B 80 6.23 -11.20 0.83
CA ASP B 80 6.15 -11.01 0.69
C ASP B 80 7.66 -10.75 0.55
C ASP B 80 7.63 -10.73 0.56
N LEU B 81 8.04 -9.60 1.10
CA LEU B 81 9.43 -9.19 1.10
C LEU B 81 10.19 -10.12 2.04
N GLN B 82 9.66 -10.25 3.25
CA GLN B 82 10.22 -11.12 4.29
C GLN B 82 9.14 -11.70 5.22
N THR B 83 9.59 -12.59 6.11
CA THR B 83 8.80 -13.30 7.14
C THR B 83 7.91 -14.40 6.58
N ASN B 84 7.72 -15.48 7.34
CA ASN B 84 6.83 -16.57 6.96
C ASN B 84 5.54 -16.63 7.77
N ARG B 85 4.98 -15.46 8.08
CA ARG B 85 3.83 -15.38 8.98
C ARG B 85 2.51 -15.81 8.37
N ASP B 86 2.21 -15.32 7.17
CA ASP B 86 0.95 -15.63 6.52
C ASP B 86 0.84 -17.10 6.11
N ALA B 87 1.90 -17.65 5.53
CA ALA B 87 1.90 -19.03 5.07
C ALA B 87 1.70 -20.02 6.21
N ASP B 88 2.36 -19.78 7.33
CA ASP B 88 2.22 -20.62 8.51
C ASP B 88 0.81 -20.61 9.10
N ARG B 89 0.24 -19.41 9.22
CA ARG B 89 -1.15 -19.24 9.65
C ARG B 89 -2.10 -20.04 8.76
N LEU B 90 -1.82 -20.04 7.46
CA LEU B 90 -2.69 -20.70 6.50
C LEU B 90 -2.60 -22.22 6.64
N ARG B 91 -1.39 -22.73 6.86
CA ARG B 91 -1.18 -24.16 7.00
C ARG B 91 -1.78 -24.64 8.31
N LYS B 92 -1.71 -23.79 9.33
CA LYS B 92 -2.38 -24.03 10.61
C LYS B 92 -3.89 -24.20 10.43
N LYS B 93 -4.43 -23.64 9.35
CA LYS B 93 -5.85 -23.73 9.06
C LYS B 93 -6.15 -24.86 8.09
N GLY B 94 -5.14 -25.67 7.77
CA GLY B 94 -5.31 -26.80 6.89
C GLY B 94 -5.11 -26.47 5.42
N VAL B 95 -4.62 -25.27 5.14
CA VAL B 95 -4.35 -24.87 3.76
C VAL B 95 -2.89 -25.07 3.38
N SER B 96 -2.64 -25.86 2.32
CA SER B 96 -1.29 -26.01 1.81
C SER B 96 -0.81 -24.66 1.25
N ALA B 97 0.27 -24.14 1.82
CA ALA B 97 0.72 -22.81 1.46
C ALA B 97 2.24 -22.72 1.45
N HIS B 98 2.77 -22.04 0.45
CA HIS B 98 4.20 -21.77 0.41
C HIS B 98 4.49 -20.31 0.12
N GLN B 99 5.51 -19.79 0.81
CA GLN B 99 5.91 -18.39 0.68
C GLN B 99 6.90 -18.11 -0.44
N ILE B 100 6.61 -17.09 -1.23
CA ILE B 100 7.61 -16.53 -2.13
C ILE B 100 8.17 -15.28 -1.48
N THR B 101 9.48 -15.29 -1.22
CA THR B 101 10.14 -14.13 -0.64
C THR B 101 10.86 -13.34 -1.73
N THR B 102 10.35 -12.13 -1.99
CA THR B 102 10.91 -11.28 -3.05
C THR B 102 12.15 -10.51 -2.60
N GLY B 103 12.32 -10.34 -1.30
CA GLY B 103 13.46 -9.60 -0.78
C GLY B 103 13.31 -8.10 -0.90
N GLU B 104 13.46 -7.58 -2.12
CA GLU B 104 13.35 -6.15 -2.37
C GLU B 104 12.25 -5.81 -3.37
N ALA B 105 11.85 -6.79 -4.18
CA ALA B 105 10.88 -6.54 -5.23
C ALA B 105 9.50 -6.28 -4.64
N CYS B 106 8.82 -5.26 -5.16
CA CYS B 106 7.56 -4.78 -4.61
C CYS B 106 6.37 -5.54 -5.17
N HIS B 107 6.65 -6.65 -5.83
CA HIS B 107 5.64 -7.35 -6.62
C HIS B 107 6.09 -8.76 -6.92
N LEU B 108 5.15 -9.60 -7.35
CA LEU B 108 5.52 -10.92 -7.83
C LEU B 108 5.75 -10.91 -9.34
N GLU B 109 6.59 -11.81 -9.80
CA GLU B 109 6.79 -12.03 -11.22
C GLU B 109 6.56 -13.50 -11.52
N ALA B 110 6.20 -13.82 -12.76
CA ALA B 110 5.83 -15.18 -13.14
C ALA B 110 6.90 -16.21 -12.84
N SER B 111 8.16 -15.83 -13.05
CA SER B 111 9.29 -16.72 -12.76
C SER B 111 9.38 -17.10 -11.28
N MET B 112 8.86 -16.24 -10.41
CA MET B 112 8.88 -16.50 -8.97
C MET B 112 7.89 -17.59 -8.57
N ILE B 113 6.80 -17.73 -9.33
CA ILE B 113 5.75 -18.70 -9.01
C ILE B 113 6.26 -20.15 -9.12
N GLU B 114 7.19 -20.39 -10.04
CA GLU B 114 7.59 -21.75 -10.40
C GLU B 114 8.11 -22.60 -9.24
N GLY B 115 9.00 -22.02 -8.43
CA GLY B 115 9.57 -22.73 -7.30
C GLY B 115 8.54 -23.19 -6.28
N ALA B 116 7.68 -22.26 -5.88
CA ALA B 116 6.62 -22.57 -4.92
C ALA B 116 5.63 -23.56 -5.54
N PHE B 117 5.35 -23.37 -6.83
CA PHE B 117 4.47 -24.25 -7.59
C PHE B 117 4.99 -25.69 -7.61
N ASP B 118 6.28 -25.85 -7.87
CA ASP B 118 6.89 -27.19 -7.89
C ASP B 118 6.77 -27.89 -6.54
N LEU B 119 7.01 -27.16 -5.46
CA LEU B 119 6.85 -27.72 -4.11
C LEU B 119 5.42 -28.16 -3.84
N LEU B 120 4.45 -27.30 -4.18
CA LEU B 120 3.04 -27.63 -3.99
C LEU B 120 2.66 -28.86 -4.81
N LYS B 121 3.25 -28.99 -6.00
CA LYS B 121 3.05 -30.17 -6.83
C LYS B 121 3.60 -31.42 -6.15
N ASP B 122 4.85 -31.34 -5.71
CA ASP B 122 5.53 -32.48 -5.10
C ASP B 122 4.88 -32.90 -3.78
N GLU B 123 4.22 -31.97 -3.12
CA GLU B 123 3.57 -32.25 -1.85
C GLU B 123 2.18 -32.83 -2.04
N GLY B 124 1.68 -32.79 -3.28
CA GLY B 124 0.39 -33.36 -3.58
C GLY B 124 -0.75 -32.38 -3.40
N ALA B 125 -0.40 -31.14 -3.10
CA ALA B 125 -1.36 -30.07 -2.88
C ALA B 125 -2.14 -29.68 -4.13
N LEU B 126 -1.47 -29.71 -5.28
CA LEU B 126 -2.10 -29.31 -6.54
C LEU B 126 -3.16 -30.32 -6.99
N GLU B 127 -2.89 -31.60 -6.78
CA GLU B 127 -3.84 -32.65 -7.12
C GLU B 127 -5.14 -32.54 -6.31
N LYS B 128 -5.04 -32.04 -5.08
CA LYS B 128 -6.20 -31.96 -4.19
C LYS B 128 -6.91 -30.62 -4.29
N SER B 129 -6.42 -29.74 -5.15
CA SER B 129 -6.95 -28.38 -5.22
C SER B 129 -7.68 -28.09 -6.54
N ASP B 130 -8.78 -27.37 -6.45
CA ASP B 130 -9.45 -26.84 -7.63
C ASP B 130 -8.88 -25.45 -7.94
N PHE B 131 -8.36 -24.80 -6.90
CA PHE B 131 -7.87 -23.44 -7.02
C PHE B 131 -6.43 -23.32 -6.52
N LEU B 132 -5.63 -22.54 -7.25
CA LEU B 132 -4.35 -22.08 -6.73
C LEU B 132 -4.46 -20.58 -6.55
N ILE B 133 -4.26 -20.13 -5.33
CA ILE B 133 -4.45 -18.73 -5.02
C ILE B 133 -3.12 -18.04 -4.75
N ILE B 134 -2.86 -17.00 -5.52
CA ILE B 134 -1.67 -16.18 -5.35
C ILE B 134 -2.01 -14.94 -4.54
N GLU B 135 -1.43 -14.82 -3.36
CA GLU B 135 -1.55 -13.58 -2.58
C GLU B 135 -0.33 -12.72 -2.86
N ASN B 136 -0.55 -11.65 -3.62
CA ASN B 136 0.56 -10.80 -4.05
C ASN B 136 1.12 -9.94 -2.92
N VAL B 137 2.30 -9.40 -3.16
CA VAL B 137 2.93 -8.43 -2.28
C VAL B 137 1.97 -7.26 -2.06
N GLY B 138 1.85 -6.80 -0.81
CA GLY B 138 1.04 -5.63 -0.52
C GLY B 138 1.60 -4.43 -1.25
N ASN B 139 0.83 -3.94 -2.22
CA ASN B 139 1.25 -2.90 -3.14
C ASN B 139 0.09 -2.64 -4.08
N LEU B 140 -0.38 -1.40 -4.12
CA LEU B 140 -1.51 -1.05 -4.96
C LEU B 140 -1.09 -0.57 -6.35
N VAL B 141 0.21 -0.65 -6.66
CA VAL B 141 0.71 -0.15 -7.94
C VAL B 141 1.34 -1.25 -8.79
N CYS B 142 2.59 -1.59 -8.47
CA CYS B 142 3.43 -2.40 -9.34
C CYS B 142 2.94 -3.79 -9.74
N PRO B 143 2.22 -4.52 -8.85
CA PRO B 143 1.77 -5.84 -9.32
C PRO B 143 0.76 -5.79 -10.48
N SER B 144 0.18 -4.61 -10.73
CA SER B 144 -0.72 -4.42 -11.86
C SER B 144 -0.01 -4.50 -13.21
N SER B 145 1.32 -4.53 -13.19
CA SER B 145 2.10 -4.53 -14.42
C SER B 145 2.74 -5.90 -14.72
N TYR B 146 2.41 -6.90 -13.91
CA TYR B 146 3.02 -8.22 -14.08
C TYR B 146 1.99 -9.35 -14.15
N ASN B 147 1.73 -9.82 -15.37
CA ASN B 147 0.92 -11.02 -15.60
C ASN B 147 1.50 -12.22 -14.88
N LEU B 148 0.66 -12.93 -14.14
CA LEU B 148 1.11 -14.16 -13.48
C LEU B 148 0.43 -15.38 -14.08
N GLY B 149 -0.26 -15.19 -15.20
CA GLY B 149 -0.95 -16.28 -15.86
C GLY B 149 -2.28 -16.66 -15.21
N ALA B 150 -2.76 -15.82 -14.31
CA ALA B 150 -3.96 -16.11 -13.54
C ALA B 150 -5.23 -16.09 -14.41
N ALA B 151 -6.22 -16.87 -14.00
CA ALA B 151 -7.55 -16.82 -14.62
C ALA B 151 -8.27 -15.54 -14.22
N MET B 152 -8.11 -15.14 -12.97
CA MET B 152 -8.69 -13.90 -12.47
C MET B 152 -7.69 -13.12 -11.64
N ASN B 153 -7.69 -11.80 -11.83
CA ASN B 153 -6.94 -10.89 -10.99
C ASN B 153 -7.93 -10.05 -10.19
N ILE B 154 -7.89 -10.21 -8.87
CA ILE B 154 -8.89 -9.58 -8.01
C ILE B 154 -8.26 -8.58 -7.05
N VAL B 155 -8.85 -7.40 -6.99
CA VAL B 155 -8.29 -6.30 -6.20
C VAL B 155 -9.15 -6.01 -4.97
N LEU B 156 -8.50 -5.98 -3.81
CA LEU B 156 -9.17 -5.55 -2.58
C LEU B 156 -8.94 -4.08 -2.32
N LEU B 157 -10.01 -3.37 -2.03
CA LEU B 157 -9.93 -2.01 -1.52
C LEU B 157 -10.62 -2.01 -0.17
N SER B 158 -9.87 -1.77 0.90
CA SER B 158 -10.45 -1.82 2.23
C SER B 158 -11.07 -0.49 2.58
N VAL B 159 -12.17 -0.53 3.31
CA VAL B 159 -12.92 0.67 3.69
C VAL B 159 -12.03 1.74 4.35
N PRO B 160 -11.16 1.35 5.31
CA PRO B 160 -10.33 2.39 5.94
C PRO B 160 -9.37 3.12 4.98
N GLU B 161 -9.08 2.55 3.81
CA GLU B 161 -8.15 3.20 2.87
C GLU B 161 -8.75 4.46 2.23
N GLY B 162 -10.07 4.54 2.15
CA GLY B 162 -10.73 5.68 1.55
C GLY B 162 -11.45 5.36 0.25
N ASP B 163 -12.61 5.98 0.05
CA ASP B 163 -13.46 5.67 -1.10
C ASP B 163 -13.01 6.40 -2.37
N ASP B 164 -11.88 7.10 -2.28
CA ASP B 164 -11.37 7.89 -3.38
C ASP B 164 -10.25 7.21 -4.15
N LYS B 165 -9.92 5.99 -3.77
CA LYS B 165 -8.66 5.39 -4.20
C LYS B 165 -8.65 4.83 -5.62
N VAL B 166 -9.82 4.53 -6.17
CA VAL B 166 -9.87 3.82 -7.46
C VAL B 166 -9.24 4.63 -8.60
N LEU B 167 -9.65 5.88 -8.78
CA LEU B 167 -9.07 6.72 -9.83
C LEU B 167 -7.63 7.13 -9.52
N LYS B 168 -7.23 7.04 -8.26
CA LYS B 168 -5.87 7.38 -7.86
C LYS B 168 -4.90 6.27 -8.26
N TYR B 169 -5.42 5.04 -8.37
CA TYR B 169 -4.61 3.90 -8.79
C TYR B 169 -5.26 3.18 -9.96
N PRO B 170 -5.42 3.88 -11.10
CA PRO B 170 -6.20 3.37 -12.25
C PRO B 170 -5.66 2.09 -12.86
N THR B 171 -4.34 1.90 -12.89
CA THR B 171 -3.76 0.73 -13.55
C THR B 171 -4.08 -0.57 -12.80
N MET B 172 -4.11 -0.51 -11.46
CA MET B 172 -4.49 -1.67 -10.68
C MET B 172 -5.94 -2.06 -10.87
N PHE B 173 -6.84 -1.08 -10.77
CA PHE B 173 -8.26 -1.36 -10.84
C PHE B 173 -8.73 -1.68 -12.26
N MET B 174 -7.97 -1.22 -13.26
CA MET B 174 -8.26 -1.55 -14.65
C MET B 174 -7.90 -3.01 -14.99
N CYS B 175 -7.08 -3.65 -14.16
CA CYS B 175 -6.73 -5.05 -14.39
C CYS B 175 -7.61 -6.01 -13.59
N ALA B 176 -8.50 -5.46 -12.78
CA ALA B 176 -9.37 -6.28 -11.93
C ALA B 176 -10.47 -6.96 -12.73
N ASP B 177 -10.62 -8.25 -12.52
CA ASP B 177 -11.78 -8.99 -13.00
C ASP B 177 -12.93 -8.89 -11.99
N ALA B 178 -12.58 -8.44 -10.79
CA ALA B 178 -13.53 -8.22 -9.72
C ALA B 178 -12.90 -7.33 -8.68
N VAL B 179 -13.71 -6.49 -8.03
CA VAL B 179 -13.21 -5.65 -6.96
C VAL B 179 -13.94 -6.01 -5.67
N ILE B 180 -13.18 -6.18 -4.60
CA ILE B 180 -13.77 -6.42 -3.29
C ILE B 180 -13.58 -5.21 -2.40
N ILE B 181 -14.69 -4.63 -1.95
CA ILE B 181 -14.63 -3.63 -0.90
C ILE B 181 -14.59 -4.38 0.44
N SER B 182 -13.40 -4.48 1.01
CA SER B 182 -13.18 -5.30 2.19
C SER B 182 -13.35 -4.48 3.46
N LYS B 183 -13.48 -5.18 4.59
CA LYS B 183 -13.78 -4.56 5.88
C LYS B 183 -15.03 -3.69 5.79
N ALA B 184 -16.06 -4.21 5.13
CA ALA B 184 -17.30 -3.48 4.89
C ALA B 184 -18.06 -3.16 6.18
N ASP B 185 -17.72 -3.86 7.27
CA ASP B 185 -18.28 -3.54 8.58
C ASP B 185 -17.91 -2.13 9.04
N MET B 186 -16.91 -1.53 8.40
CA MET B 186 -16.38 -0.23 8.82
C MET B 186 -16.94 0.95 8.03
N VAL B 187 -17.90 0.70 7.15
CA VAL B 187 -18.40 1.73 6.23
C VAL B 187 -18.91 2.99 6.94
N GLU B 188 -19.70 2.81 8.01
CA GLU B 188 -20.33 3.95 8.69
C GLU B 188 -19.35 4.83 9.46
N VAL B 189 -18.47 4.20 10.24
CA VAL B 189 -17.52 4.97 11.06
C VAL B 189 -16.51 5.74 10.21
N PHE B 190 -16.31 5.32 8.97
CA PHE B 190 -15.40 6.01 8.07
C PHE B 190 -16.11 6.94 7.09
N ASN B 191 -17.45 6.98 7.16
CA ASN B 191 -18.26 7.75 6.22
C ASN B 191 -17.89 7.40 4.79
N PHE B 192 -17.68 6.11 4.57
CA PHE B 192 -17.20 5.59 3.29
C PHE B 192 -18.34 5.60 2.27
N ARG B 193 -18.06 6.11 1.06
CA ARG B 193 -19.07 6.16 0.01
C ARG B 193 -18.87 5.06 -1.02
N VAL B 194 -19.63 3.98 -0.88
CA VAL B 194 -19.66 2.91 -1.87
C VAL B 194 -19.95 3.46 -3.26
N SER B 195 -20.78 4.49 -3.32
CA SER B 195 -21.13 5.14 -4.58
C SER B 195 -19.91 5.70 -5.31
N GLN B 196 -18.95 6.22 -4.55
CA GLN B 196 -17.74 6.79 -5.13
C GLN B 196 -16.92 5.71 -5.84
N VAL B 197 -16.75 4.58 -5.16
CA VAL B 197 -16.04 3.45 -5.74
C VAL B 197 -16.75 2.96 -6.99
N LYS B 198 -18.07 2.88 -6.90
CA LYS B 198 -18.90 2.45 -8.03
C LYS B 198 -18.72 3.36 -9.23
N GLU B 199 -18.73 4.66 -8.99
CA GLU B 199 -18.66 5.63 -10.07
C GLU B 199 -17.27 5.68 -10.69
N ASP B 200 -16.24 5.54 -9.86
CA ASP B 200 -14.87 5.48 -10.36
C ASP B 200 -14.67 4.25 -11.23
N MET B 201 -15.19 3.11 -10.76
CA MET B 201 -15.09 1.85 -11.50
C MET B 201 -15.90 1.88 -12.79
N GLN B 202 -17.02 2.59 -12.80
CA GLN B 202 -17.82 2.76 -14.01
C GLN B 202 -17.02 3.42 -15.11
N LYS B 203 -16.16 4.35 -14.71
CA LYS B 203 -15.28 5.03 -15.66
C LYS B 203 -14.18 4.09 -16.15
N LEU B 204 -13.58 3.37 -15.21
CA LEU B 204 -12.40 2.55 -15.49
C LEU B 204 -12.73 1.22 -16.14
N LYS B 205 -13.60 0.45 -15.50
CA LYS B 205 -13.87 -0.93 -15.90
C LYS B 205 -15.28 -1.32 -15.45
N PRO B 206 -16.31 -0.85 -16.18
CA PRO B 206 -17.70 -1.02 -15.78
C PRO B 206 -18.16 -2.48 -15.76
N GLU B 207 -17.47 -3.36 -16.47
CA GLU B 207 -17.86 -4.77 -16.52
C GLU B 207 -17.47 -5.54 -15.26
N ALA B 208 -16.56 -4.98 -14.48
CA ALA B 208 -16.05 -5.69 -13.31
C ALA B 208 -17.04 -5.62 -12.15
N PRO B 209 -17.41 -6.77 -11.59
CA PRO B 209 -18.33 -6.81 -10.45
C PRO B 209 -17.68 -6.29 -9.18
N ILE B 210 -18.48 -5.72 -8.29
CA ILE B 210 -17.98 -5.19 -7.03
C ILE B 210 -18.62 -5.93 -5.86
N PHE B 211 -17.80 -6.36 -4.90
CA PHE B 211 -18.30 -7.09 -3.75
C PHE B 211 -18.05 -6.37 -2.43
N LEU B 212 -19.10 -6.29 -1.60
CA LEU B 212 -18.95 -5.86 -0.22
C LEU B 212 -18.63 -7.08 0.64
N MET B 213 -17.50 -7.02 1.34
CA MET B 213 -17.05 -8.17 2.12
C MET B 213 -16.63 -7.75 3.52
N SER B 214 -16.99 -8.56 4.51
CA SER B 214 -16.50 -8.38 5.86
C SER B 214 -16.15 -9.72 6.50
N SER B 215 -15.07 -9.75 7.27
CA SER B 215 -14.71 -10.94 8.03
C SER B 215 -15.76 -11.27 9.09
N LYS B 216 -16.60 -10.29 9.40
CA LYS B 216 -17.66 -10.44 10.40
C LYS B 216 -18.96 -10.90 9.74
N ASP B 217 -18.91 -11.07 8.42
CA ASP B 217 -20.07 -11.42 7.63
C ASP B 217 -19.81 -12.69 6.82
N PRO B 218 -20.13 -13.85 7.40
CA PRO B 218 -19.98 -15.16 6.73
C PRO B 218 -20.69 -15.23 5.39
N LYS B 219 -21.84 -14.56 5.29
CA LYS B 219 -22.65 -14.58 4.08
C LYS B 219 -21.94 -13.89 2.90
N SER B 220 -21.21 -12.83 3.19
CA SER B 220 -20.44 -12.14 2.15
C SER B 220 -19.32 -13.04 1.63
N LEU B 221 -18.73 -13.81 2.53
CA LEU B 221 -17.68 -14.75 2.17
C LEU B 221 -18.26 -15.86 1.29
N GLU B 222 -19.42 -16.35 1.70
CA GLU B 222 -20.10 -17.44 1.03
C GLU B 222 -20.51 -17.06 -0.39
N ASP B 223 -20.97 -15.83 -0.57
CA ASP B 223 -21.37 -15.35 -1.89
C ASP B 223 -20.17 -15.24 -2.83
N PHE B 224 -19.04 -14.76 -2.31
CA PHE B 224 -17.85 -14.60 -3.13
C PHE B 224 -17.27 -15.96 -3.50
N LYS B 225 -17.34 -16.89 -2.55
CA LYS B 225 -16.89 -18.26 -2.79
C LYS B 225 -17.69 -18.88 -3.94
N ASN B 226 -19.00 -18.71 -3.90
CA ASN B 226 -19.88 -19.25 -4.93
C ASN B 226 -19.63 -18.57 -6.27
N PHE B 227 -19.30 -17.29 -6.21
CA PHE B 227 -18.89 -16.53 -7.40
C PHE B 227 -17.67 -17.17 -8.05
N LEU B 228 -16.69 -17.51 -7.23
CA LEU B 228 -15.46 -18.13 -7.71
C LEU B 228 -15.76 -19.50 -8.32
N LEU B 229 -16.66 -20.24 -7.68
CA LEU B 229 -17.06 -21.56 -8.14
C LEU B 229 -17.68 -21.52 -9.53
N GLU B 230 -18.50 -20.50 -9.77
CA GLU B 230 -19.15 -20.35 -11.07
C GLU B 230 -18.14 -19.91 -12.12
N LYS B 231 -17.17 -19.09 -11.72
CA LYS B 231 -16.13 -18.63 -12.64
C LYS B 231 -15.25 -19.79 -13.11
N LYS B 232 -14.90 -20.68 -12.19
CA LYS B 232 -14.14 -21.88 -12.56
C LYS B 232 -14.99 -22.73 -13.49
N ARG B 233 -16.28 -22.81 -13.20
CA ARG B 233 -17.24 -23.54 -14.01
C ARG B 233 -17.27 -23.02 -15.45
N GLU B 234 -17.35 -21.71 -15.60
CA GLU B 234 -17.34 -21.10 -16.93
C GLU B 234 -15.96 -21.20 -17.55
N ASN B 235 -14.97 -21.48 -16.71
CA ASN B 235 -13.56 -21.35 -17.06
C ASN B 235 -13.27 -19.97 -17.62
N TYR B 236 -13.70 -18.94 -16.90
CA TYR B 236 -13.32 -17.57 -17.23
C TYR B 236 -11.81 -17.40 -17.12
N GLN B 237 -11.20 -16.90 -18.18
CA GLN B 237 -9.76 -16.66 -18.20
C GLN B 237 -9.50 -15.25 -18.70
N SER B 238 -9.02 -14.38 -17.83
CA SER B 238 -8.82 -12.97 -18.16
C SER B 238 -7.91 -12.76 -19.38
N THR B 239 -8.32 -11.85 -20.26
CA THR B 239 -7.52 -11.50 -21.42
C THR B 239 -6.81 -10.17 -21.17
N HIS B 240 -6.70 -9.77 -19.91
CA HIS B 240 -6.12 -8.47 -19.59
C HIS B 240 -4.66 -8.38 -20.02
N SER B 241 -4.31 -7.25 -20.60
CA SER B 241 -2.94 -7.02 -21.04
C SER B 241 -2.15 -6.26 -19.97
N PHE B 242 -1.06 -6.86 -19.52
CA PHE B 242 -0.25 -6.27 -18.47
C PHE B 242 0.96 -5.54 -19.07
MG MG C . -3.18 11.05 0.24
PB GDP D . -3.81 8.86 2.68
O1B GDP D . -4.35 8.15 1.47
O2B GDP D . -3.46 10.29 2.33
O3B GDP D . -2.57 8.19 3.19
O3A GDP D . -4.92 8.84 3.86
PA GDP D . -6.27 9.71 3.82
O1A GDP D . -6.03 11.06 4.43
O2A GDP D . -6.83 9.83 2.42
O5' GDP D . -7.23 8.86 4.78
C5' GDP D . -7.91 7.71 4.29
C4' GDP D . -9.12 7.45 5.18
O4' GDP D . -8.70 7.33 6.54
C3' GDP D . -10.08 8.62 5.12
O3' GDP D . -11.41 8.09 5.10
C2' GDP D . -9.88 9.37 6.42
O2' GDP D . -11.10 9.95 6.86
C1' GDP D . -9.44 8.25 7.34
N9 GDP D . -8.57 8.73 8.45
C8 GDP D . -7.48 9.50 8.38
N7 GDP D . -6.94 9.69 9.61
C5 GDP D . -7.70 9.01 10.50
C6 GDP D . -7.70 8.77 11.95
O6 GDP D . -6.84 9.28 12.70
N1 GDP D . -8.67 8.00 12.47
C2 GDP D . -9.63 7.45 11.70
N2 GDP D . -10.58 6.68 12.28
N3 GDP D . -9.69 7.62 10.35
C4 GDP D . -8.76 8.37 9.71
P PO4 E . -2.11 7.86 -1.04
O1 PO4 E . -0.93 8.27 -1.89
O2 PO4 E . -2.85 9.10 -0.61
O3 PO4 E . -3.03 6.98 -1.84
O4 PO4 E . -1.61 7.12 0.17
NI NI F . 7.10 -0.64 -6.87
C1 GOL G . 2.32 27.86 1.90
O1 GOL G . 1.41 26.82 2.13
C2 GOL G . 1.80 29.14 2.54
O2 GOL G . 2.50 30.25 2.01
C3 GOL G . 2.01 29.08 4.05
O3 GOL G . 3.33 29.46 4.36
C1 GOL H . -0.88 27.28 8.07
O1 GOL H . -0.79 26.17 8.93
C2 GOL H . -1.30 26.79 6.68
O2 GOL H . -1.58 27.89 5.85
C3 GOL H . -0.14 25.99 6.08
O3 GOL H . 1.06 26.72 6.23
P PO4 I . 17.26 28.07 -5.43
O1 PO4 I . 17.42 28.71 -4.08
O2 PO4 I . 15.79 27.82 -5.67
O3 PO4 I . 17.79 28.97 -6.52
O4 PO4 I . 18.01 26.77 -5.45
C1 MLI J . -13.34 12.87 -9.83
C2 MLI J . -13.35 13.16 -11.32
C3 MLI J . -12.24 13.64 -9.12
O6 MLI J . -14.22 13.95 -11.78
O7 MLI J . -12.50 12.59 -12.05
O8 MLI J . -12.58 14.50 -8.26
O9 MLI J . -11.05 13.39 -9.41
C1 MLI K . 20.76 5.26 10.56
C2 MLI K . 20.27 4.08 9.76
C3 MLI K . 21.00 6.46 9.68
O6 MLI K . 19.31 4.25 8.97
O7 MLI K . 20.84 2.98 9.93
O8 MLI K . 20.32 7.50 9.86
O9 MLI K . 21.90 6.37 8.79
C1 GOL L . 21.24 18.95 -12.61
O1 GOL L . 20.03 19.68 -12.63
C2 GOL L . 20.92 17.47 -12.53
O2 GOL L . 19.97 17.14 -13.53
C3 GOL L . 22.17 16.64 -12.73
O3 GOL L . 22.22 15.63 -11.76
MG MG M . -0.96 -10.90 4.27
PB GDP N . -3.40 -8.38 4.57
O1B GDP N . -3.18 -9.86 4.45
O2B GDP N . -3.77 -7.83 3.22
O3B GDP N . -2.13 -7.71 5.05
O3A GDP N . -4.56 -8.07 5.63
PA GDP N . -4.77 -8.89 7.01
O1A GDP N . -5.53 -10.17 6.76
O2A GDP N . -3.45 -9.19 7.70
O5' GDP N . -5.66 -7.89 7.87
C5' GDP N . -5.06 -6.75 8.50
C4' GDP N . -5.91 -6.30 9.67
O4' GDP N . -7.25 -6.06 9.24
C3' GDP N . -5.97 -7.38 10.74
O3' GDP N . -5.88 -6.76 12.01
C2' GDP N . -7.35 -7.99 10.57
O2' GDP N . -7.86 -8.41 11.84
C1' GDP N . -8.17 -6.84 10.03
N9 GDP N . -9.29 -7.27 9.15
C8 GDP N . -9.23 -8.13 8.11
N7 GDP N . -10.45 -8.25 7.53
C5 GDP N . -11.30 -7.44 8.19
C6 GDP N . -12.74 -7.08 8.09
O6 GDP N . -13.48 -7.59 7.22
N1 GDP N . -13.23 -6.19 8.97
C2 GDP N . -12.45 -5.63 9.92
N2 GDP N . -13.02 -4.74 10.78
N3 GDP N . -11.13 -5.92 10.06
C4 GDP N . -10.52 -6.79 9.25
P PO4 O . 0.69 -7.96 3.24
O1 PO4 O . 1.29 -6.79 3.98
O2 PO4 O . -0.40 -7.48 2.33
O3 PO4 O . 1.77 -8.64 2.42
O4 PO4 O . 0.14 -8.96 4.23
C1 GOL P . -6.33 -29.32 -0.52
O1 GOL P . -6.84 -28.10 -0.98
C2 GOL P . -5.17 -29.09 0.45
O2 GOL P . -3.94 -29.39 -0.19
C3 GOL P . -5.15 -27.64 0.92
O3 GOL P . -4.79 -26.79 -0.14
C1 GOL Q . -1.89 -29.87 4.92
O1 GOL Q . -2.66 -29.22 3.93
C2 GOL Q . -1.28 -28.84 5.85
O2 GOL Q . -2.29 -28.00 6.36
C3 GOL Q . -0.26 -28.00 5.09
O3 GOL Q . 0.82 -28.80 4.69
P PO4 R . 7.42 -21.65 3.56
O1 PO4 R . 8.60 -21.12 4.31
O2 PO4 R . 6.14 -21.08 4.12
O3 PO4 R . 7.55 -21.26 2.10
O4 PO4 R . 7.41 -23.15 3.68
P PO4 S . 3.11 -29.84 -14.63
O1 PO4 S . 3.55 -28.88 -15.69
O2 PO4 S . 1.72 -30.33 -14.92
O3 PO4 S . 4.07 -31.01 -14.59
O4 PO4 S . 3.12 -29.16 -13.29
C1 MLI T . -10.55 -6.46 -20.59
C2 MLI T . -10.46 -7.92 -20.16
C3 MLI T . -9.39 -5.61 -20.13
O6 MLI T . -11.35 -8.71 -20.54
O7 MLI T . -9.49 -8.27 -19.44
O8 MLI T . -9.06 -5.64 -18.92
O9 MLI T . -8.81 -4.89 -20.99
C1 GOL U . -10.61 -26.63 2.53
O1 GOL U . -11.36 -25.46 2.31
C2 GOL U . -9.18 -26.25 2.91
O2 GOL U . -8.66 -27.20 3.81
C3 GOL U . -8.32 -26.21 1.66
O3 GOL U . -9.14 -26.11 0.52
C1 GOL V . -3.54 -23.04 -23.13
O1 GOL V . -2.94 -21.94 -22.49
C2 GOL V . -2.46 -23.92 -23.74
O2 GOL V . -1.51 -23.10 -24.39
C3 GOL V . -1.74 -24.69 -22.64
O3 GOL V . -1.10 -25.82 -23.20
#